data_3NR6
#
_entry.id   3NR6
#
_cell.length_a   63.915
_cell.length_b   63.915
_cell.length_c   106.509
_cell.angle_alpha   90.00
_cell.angle_beta   90.00
_cell.angle_gamma   90.00
#
_symmetry.space_group_name_H-M   'P 4 2 2'
#
loop_
_entity.id
_entity.type
_entity.pdbx_description
1 polymer 'Protease p14'
2 non-polymer 'POTASSIUM ION'
3 non-polymer 'PHOSPHATE ION'
4 water water
#
_entity_poly.entity_id   1
_entity_poly.type   'polypeptide(L)'
_entity_poly.pdbx_seq_one_letter_code
;MHHHHHHTLGDQGGQGQEPPPEPRITLKVGGQPVTFLVDTGAQHSVLTQNPGPLSDKSAWVQGATGGKRYRWTTDRKVHL
ATGKVTHSFLHVPDCPYPLLGRDLLTKLKAQIHFEGSGAQVVGPMGQPLQVL
;
_entity_poly.pdbx_strand_id   A,B
#
# COMPACT_ATOMS: atom_id res chain seq x y z
N THR A 8 25.34 3.25 -5.60
CA THR A 8 25.37 4.31 -4.54
C THR A 8 24.35 5.39 -4.88
N LEU A 9 23.60 5.86 -3.90
CA LEU A 9 22.62 6.91 -4.16
C LEU A 9 23.33 8.21 -3.91
N GLY A 10 22.79 9.29 -4.47
CA GLY A 10 23.23 10.63 -4.05
C GLY A 10 22.29 11.16 -2.96
N ASP A 11 22.21 12.48 -2.87
CA ASP A 11 21.45 13.15 -1.82
C ASP A 11 20.02 12.64 -1.74
N GLN A 12 19.65 12.12 -0.57
CA GLN A 12 18.27 11.74 -0.30
C GLN A 12 17.59 12.70 0.66
N GLY A 13 18.17 13.89 0.82
CA GLY A 13 17.62 14.89 1.71
C GLY A 13 16.39 15.60 1.18
N GLY A 14 15.69 16.27 2.09
CA GLY A 14 14.57 17.12 1.70
C GLY A 14 13.24 16.38 1.82
N GLN A 15 13.29 15.12 2.27
CA GLN A 15 12.08 14.34 2.53
C GLN A 15 11.08 14.94 3.54
N GLY A 16 11.56 15.74 4.50
CA GLY A 16 10.67 16.38 5.45
C GLY A 16 9.68 17.37 4.82
N GLN A 17 9.94 17.79 3.59
CA GLN A 17 9.03 18.66 2.79
C GLN A 17 7.79 17.89 2.27
N GLU A 18 7.95 16.59 2.05
CA GLU A 18 6.85 15.67 1.63
C GLU A 18 7.00 14.30 2.28
N PRO A 19 6.81 14.25 3.60
CA PRO A 19 7.12 12.98 4.25
C PRO A 19 6.12 11.85 3.92
N PRO A 20 6.59 10.63 3.68
CA PRO A 20 5.56 9.55 3.51
C PRO A 20 4.69 9.40 4.76
N PRO A 21 3.42 9.04 4.57
CA PRO A 21 2.64 8.66 5.74
C PRO A 21 3.02 7.23 6.23
N GLU A 22 2.56 6.82 7.40
CA GLU A 22 2.71 5.40 7.82
C GLU A 22 1.78 4.54 6.93
N PRO A 23 2.15 3.27 6.68
CA PRO A 23 3.36 2.60 7.16
C PRO A 23 4.57 3.05 6.38
N ARG A 24 5.59 3.48 7.11
CA ARG A 24 6.78 3.90 6.49
C ARG A 24 7.97 3.18 7.12
N ILE A 25 9.09 3.13 6.40
CA ILE A 25 10.29 2.51 6.96
C ILE A 25 11.48 3.25 6.35
N THR A 26 12.46 3.56 7.18
CA THR A 26 13.70 4.13 6.71
C THR A 26 14.75 3.02 6.58
N LEU A 27 15.33 2.91 5.41
CA LEU A 27 16.36 1.88 5.14
C LEU A 27 17.52 2.62 4.59
N LYS A 28 18.68 2.00 4.60
CA LYS A 28 19.85 2.55 3.92
C LYS A 28 19.95 1.84 2.56
N VAL A 29 19.97 2.64 1.50
CA VAL A 29 19.95 2.13 0.13
C VAL A 29 21.10 2.73 -0.61
N GLY A 30 22.04 1.92 -1.14
CA GLY A 30 23.20 2.52 -1.80
C GLY A 30 23.90 3.53 -0.94
N GLY A 31 24.00 3.22 0.36
CA GLY A 31 24.77 4.08 1.27
C GLY A 31 23.99 5.26 1.90
N GLN A 32 22.76 5.54 1.44
CA GLN A 32 22.00 6.68 1.98
C GLN A 32 20.68 6.28 2.67
N PRO A 33 20.27 7.02 3.70
CA PRO A 33 18.98 6.65 4.28
C PRO A 33 17.86 7.15 3.38
N VAL A 34 16.88 6.29 3.16
CA VAL A 34 15.69 6.58 2.38
C VAL A 34 14.50 6.19 3.24
N THR A 35 13.54 7.11 3.37
CA THR A 35 12.26 6.79 4.01
C THR A 35 11.24 6.48 2.93
N PHE A 36 10.71 5.26 2.98
CA PHE A 36 9.71 4.77 2.01
C PHE A 36 8.34 4.71 2.61
N LEU A 37 7.33 4.91 1.77
CA LEU A 37 6.00 4.51 2.10
C LEU A 37 5.99 3.02 1.73
N VAL A 38 5.52 2.16 2.63
CA VAL A 38 5.36 0.77 2.26
C VAL A 38 3.99 0.70 1.61
N ASP A 39 4.00 0.44 0.28
CA ASP A 39 2.83 0.64 -0.59
C ASP A 39 2.47 -0.65 -1.32
N THR A 40 1.48 -1.35 -0.77
CA THR A 40 1.05 -2.65 -1.32
C THR A 40 0.37 -2.43 -2.66
N GLY A 41 -0.03 -1.18 -2.91
CA GLY A 41 -0.58 -0.79 -4.21
C GLY A 41 0.47 -0.60 -5.34
N ALA A 42 1.76 -0.68 -5.03
CA ALA A 42 2.80 -0.48 -6.04
C ALA A 42 3.42 -1.85 -6.40
N GLN A 43 3.39 -2.21 -7.71
CA GLN A 43 4.07 -3.41 -8.18
C GLN A 43 5.59 -3.31 -7.95
N HIS A 44 6.16 -2.14 -8.23
CA HIS A 44 7.63 -1.96 -8.21
C HIS A 44 8.00 -0.90 -7.21
N SER A 45 9.16 -1.04 -6.60
CA SER A 45 9.67 -0.06 -5.66
C SER A 45 10.30 1.10 -6.44
N VAL A 46 10.31 2.27 -5.82
CA VAL A 46 10.56 3.53 -6.51
C VAL A 46 11.51 4.33 -5.66
N LEU A 47 12.50 4.95 -6.30
CA LEU A 47 13.27 6.03 -5.70
C LEU A 47 12.89 7.30 -6.45
N THR A 48 12.75 8.40 -5.71
CA THR A 48 12.35 9.64 -6.35
C THR A 48 13.44 10.56 -6.69
N GLN A 49 14.60 10.41 -6.05
CA GLN A 49 15.71 11.35 -6.37
C GLN A 49 17.13 10.77 -6.25
N ASN A 50 18.07 11.32 -7.04
CA ASN A 50 19.54 10.92 -7.04
C ASN A 50 19.79 9.42 -6.89
N PRO A 51 19.30 8.65 -7.87
CA PRO A 51 19.17 7.24 -7.61
C PRO A 51 20.45 6.48 -7.93
N GLY A 52 21.49 7.18 -8.38
CA GLY A 52 22.75 6.51 -8.81
C GLY A 52 22.61 6.09 -10.30
N PRO A 53 23.52 5.27 -10.84
CA PRO A 53 23.45 4.92 -12.26
C PRO A 53 22.21 4.10 -12.65
N LEU A 54 21.74 4.35 -13.88
CA LEU A 54 20.47 3.75 -14.37
C LEU A 54 20.74 2.71 -15.41
N SER A 55 19.95 1.63 -15.41
CA SER A 55 20.15 0.68 -16.46
C SER A 55 19.53 1.27 -17.73
N ASP A 56 19.56 0.51 -18.80
CA ASP A 56 18.97 0.97 -20.06
C ASP A 56 17.50 0.48 -20.14
N LYS A 57 17.09 -0.36 -19.19
CA LYS A 57 15.73 -0.95 -19.11
C LYS A 57 14.77 0.03 -18.44
N SER A 58 13.51 -0.03 -18.83
CA SER A 58 12.55 0.99 -18.39
C SER A 58 11.23 0.26 -18.23
N ALA A 59 10.33 0.89 -17.54
CA ALA A 59 8.97 0.35 -17.31
C ALA A 59 7.99 1.49 -17.53
N TRP A 60 6.81 1.06 -17.95
CA TRP A 60 5.67 1.88 -18.19
C TRP A 60 4.96 2.04 -16.84
N VAL A 61 4.70 3.27 -16.40
CA VAL A 61 4.05 3.49 -15.07
C VAL A 61 2.78 4.28 -15.38
N GLN A 62 1.61 3.68 -15.09
CA GLN A 62 0.33 4.10 -15.69
C GLN A 62 -0.30 5.25 -14.90
N GLY A 67 0.12 8.29 -17.74
CA GLY A 67 1.25 7.43 -17.43
C GLY A 67 2.48 7.58 -18.31
N LYS A 68 3.65 7.16 -17.82
CA LYS A 68 4.82 7.24 -18.69
C LYS A 68 5.90 6.26 -18.32
N ARG A 69 7.05 6.44 -18.97
CA ARG A 69 8.10 5.44 -18.87
C ARG A 69 9.27 5.95 -18.04
N TYR A 70 9.80 5.10 -17.18
CA TYR A 70 10.90 5.45 -16.27
C TYR A 70 11.93 4.33 -16.33
N ARG A 71 13.16 4.65 -15.99
CA ARG A 71 14.24 3.67 -15.99
C ARG A 71 14.46 2.97 -14.67
N TRP A 72 14.83 1.71 -14.75
CA TRP A 72 15.29 0.98 -13.56
C TRP A 72 16.71 1.38 -13.21
N THR A 73 17.02 1.45 -11.92
CA THR A 73 18.41 1.57 -11.52
C THR A 73 19.15 0.27 -11.76
N THR A 74 20.48 0.35 -11.78
CA THR A 74 21.25 -0.88 -11.59
C THR A 74 20.96 -1.47 -10.18
N ASP A 75 21.51 -2.61 -9.88
CA ASP A 75 21.31 -3.18 -8.54
C ASP A 75 21.81 -2.26 -7.42
N ARG A 76 21.05 -2.16 -6.34
CA ARG A 76 21.48 -1.37 -5.16
C ARG A 76 21.49 -2.29 -3.94
N LYS A 77 22.46 -2.08 -3.09
CA LYS A 77 22.44 -2.70 -1.74
C LYS A 77 21.41 -2.03 -0.85
N VAL A 78 20.61 -2.84 -0.18
CA VAL A 78 19.54 -2.34 0.69
C VAL A 78 19.85 -2.88 2.06
N HIS A 79 20.27 -1.98 2.96
CA HIS A 79 20.58 -2.31 4.37
C HIS A 79 19.32 -2.29 5.20
N LEU A 80 19.00 -3.43 5.78
CA LEU A 80 17.90 -3.60 6.73
C LEU A 80 18.49 -3.74 8.14
N ALA A 81 17.64 -3.59 9.17
CA ALA A 81 18.13 -3.67 10.57
C ALA A 81 19.06 -4.87 10.77
N THR A 82 18.64 -6.04 10.27
CA THR A 82 19.47 -7.22 10.41
C THR A 82 19.57 -8.08 9.15
N GLY A 83 20.05 -7.46 8.07
CA GLY A 83 20.60 -8.14 6.92
C GLY A 83 20.64 -7.16 5.78
N LYS A 84 21.09 -7.63 4.64
CA LYS A 84 21.16 -6.81 3.44
C LYS A 84 20.56 -7.56 2.26
N VAL A 85 19.93 -6.86 1.34
CA VAL A 85 19.46 -7.49 0.09
C VAL A 85 19.94 -6.63 -1.08
N THR A 86 19.89 -7.18 -2.30
CA THR A 86 20.18 -6.41 -3.50
C THR A 86 18.86 -6.17 -4.21
N HIS A 87 18.61 -4.94 -4.69
CA HIS A 87 17.33 -4.68 -5.34
C HIS A 87 17.50 -3.56 -6.35
N SER A 88 16.74 -3.63 -7.42
CA SER A 88 16.69 -2.48 -8.32
C SER A 88 15.36 -1.76 -8.29
N PHE A 89 15.43 -0.45 -8.37
CA PHE A 89 14.30 0.39 -8.17
C PHE A 89 13.98 1.13 -9.46
N LEU A 90 12.72 1.48 -9.65
CA LEU A 90 12.43 2.44 -10.72
C LEU A 90 12.73 3.86 -10.27
N HIS A 91 13.32 4.67 -11.14
CA HIS A 91 13.49 6.05 -10.79
C HIS A 91 12.31 6.80 -11.30
N VAL A 92 11.44 7.18 -10.38
CA VAL A 92 10.26 7.94 -10.72
C VAL A 92 10.24 9.27 -9.98
N PRO A 93 10.82 10.34 -10.59
CA PRO A 93 10.80 11.60 -9.87
C PRO A 93 9.37 12.15 -9.67
N ASP A 94 8.45 11.87 -10.61
CA ASP A 94 7.07 12.37 -10.54
C ASP A 94 6.19 11.61 -9.53
N CYS A 95 6.81 11.13 -8.48
CA CYS A 95 6.11 10.48 -7.38
C CYS A 95 6.43 11.30 -6.11
N PRO A 96 5.50 11.46 -5.19
CA PRO A 96 5.79 12.35 -4.03
C PRO A 96 6.81 11.71 -3.04
N TYR A 97 6.85 10.40 -2.96
CA TYR A 97 7.89 9.79 -2.10
C TYR A 97 8.31 8.41 -2.55
N PRO A 98 9.48 7.97 -2.07
CA PRO A 98 10.01 6.65 -2.35
C PRO A 98 8.97 5.65 -1.87
N LEU A 99 8.81 4.60 -2.67
CA LEU A 99 7.84 3.52 -2.38
C LEU A 99 8.56 2.16 -2.25
N LEU A 100 8.21 1.41 -1.22
CA LEU A 100 8.66 0.04 -1.14
C LEU A 100 7.42 -0.73 -1.58
N GLY A 101 7.49 -1.34 -2.78
CA GLY A 101 6.31 -1.92 -3.39
C GLY A 101 6.33 -3.45 -3.18
N ARG A 102 5.47 -4.16 -3.91
CA ARG A 102 5.29 -5.57 -3.75
C ARG A 102 6.51 -6.37 -4.14
N ASP A 103 7.28 -5.91 -5.13
CA ASP A 103 8.50 -6.64 -5.56
C ASP A 103 9.40 -6.84 -4.28
N LEU A 104 9.61 -5.79 -3.48
CA LEU A 104 10.49 -5.88 -2.29
C LEU A 104 9.82 -6.51 -1.11
N LEU A 105 8.53 -6.26 -0.93
CA LEU A 105 7.79 -6.93 0.12
C LEU A 105 7.83 -8.45 -0.03
N THR A 106 7.71 -8.96 -1.25
CA THR A 106 7.65 -10.38 -1.44
C THR A 106 9.06 -10.96 -1.26
N LYS A 107 10.06 -10.24 -1.73
CA LYS A 107 11.44 -10.64 -1.59
C LYS A 107 11.81 -10.72 -0.09
N LEU A 108 11.41 -9.73 0.71
CA LEU A 108 11.69 -9.71 2.15
C LEU A 108 10.69 -10.53 3.02
N LYS A 109 9.57 -10.99 2.44
CA LYS A 109 8.50 -11.72 3.18
C LYS A 109 8.08 -10.85 4.36
N ALA A 110 7.96 -9.57 4.07
CA ALA A 110 7.68 -8.56 5.09
C ALA A 110 6.25 -8.68 5.54
N GLN A 111 6.00 -8.24 6.76
CA GLN A 111 4.66 -8.17 7.31
C GLN A 111 4.39 -6.73 7.71
N ILE A 112 3.16 -6.29 7.49
CA ILE A 112 2.77 -4.94 7.88
C ILE A 112 1.72 -5.07 8.91
N HIS A 113 1.94 -4.49 10.09
CA HIS A 113 1.02 -4.61 11.16
C HIS A 113 0.39 -3.28 11.48
N PHE A 114 -0.95 -3.19 11.43
CA PHE A 114 -1.65 -1.93 11.79
C PHE A 114 -2.04 -1.94 13.25
N GLU A 115 -1.94 -0.80 13.92
CA GLU A 115 -2.08 -0.77 15.39
C GLU A 115 -3.13 0.20 16.00
N GLY A 116 -3.77 1.01 15.17
CA GLY A 116 -4.61 2.11 15.72
C GLY A 116 -3.71 3.34 15.82
N SER A 117 -2.68 3.24 16.66
CA SER A 117 -1.51 4.10 16.61
C SER A 117 -0.58 3.61 15.50
N GLY A 118 -0.96 3.88 14.25
CA GLY A 118 -0.06 3.65 13.12
C GLY A 118 0.27 2.20 12.80
N ALA A 119 1.42 2.00 12.18
CA ALA A 119 1.74 0.74 11.54
C ALA A 119 3.19 0.37 11.80
N GLN A 120 3.47 -0.93 11.93
CA GLN A 120 4.81 -1.49 12.04
C GLN A 120 5.13 -2.33 10.82
N VAL A 121 6.35 -2.22 10.32
CA VAL A 121 6.82 -3.08 9.22
C VAL A 121 7.98 -3.98 9.66
N VAL A 122 7.73 -5.27 9.69
CA VAL A 122 8.69 -6.23 10.25
C VAL A 122 9.01 -7.32 9.26
N GLY A 123 10.05 -8.12 9.58
CA GLY A 123 10.47 -9.20 8.69
C GLY A 123 9.65 -10.43 9.04
N PRO A 124 9.87 -11.55 8.32
CA PRO A 124 9.05 -12.75 8.52
C PRO A 124 9.12 -13.34 9.94
N MET A 125 10.10 -12.92 10.74
CA MET A 125 10.14 -13.36 12.13
C MET A 125 9.87 -12.24 13.10
N GLY A 126 9.29 -11.15 12.61
CA GLY A 126 8.94 -10.07 13.53
C GLY A 126 10.15 -9.17 13.81
N GLN A 127 11.20 -9.32 13.03
CA GLN A 127 12.40 -8.54 13.31
C GLN A 127 12.20 -7.16 12.73
N PRO A 128 12.63 -6.12 13.48
CA PRO A 128 12.79 -4.74 12.96
C PRO A 128 13.48 -4.79 11.61
N LEU A 129 12.94 -4.10 10.62
CA LEU A 129 13.61 -4.00 9.32
C LEU A 129 14.32 -2.65 9.25
N GLN A 130 13.72 -1.66 9.90
CA GLN A 130 14.12 -0.26 9.76
C GLN A 130 15.46 0.00 10.37
N VAL A 131 16.32 0.73 9.67
CA VAL A 131 17.57 1.21 10.29
C VAL A 131 17.26 2.49 11.06
N THR B 8 -26.64 0.06 1.26
CA THR B 8 -26.57 -1.07 0.27
C THR B 8 -25.96 -0.67 -1.08
N LEU B 9 -25.23 -1.60 -1.69
CA LEU B 9 -24.61 -1.44 -3.01
C LEU B 9 -25.46 -1.96 -4.17
N GLY B 10 -25.21 -1.41 -5.36
CA GLY B 10 -25.85 -1.90 -6.58
C GLY B 10 -24.99 -3.00 -7.19
N ASP B 11 -25.28 -3.37 -8.44
CA ASP B 11 -24.51 -4.37 -9.17
C ASP B 11 -22.99 -4.13 -9.08
N GLN B 12 -22.25 -5.15 -8.65
CA GLN B 12 -20.79 -5.11 -8.58
C GLN B 12 -20.17 -5.98 -9.68
N PRO B 19 -9.54 -6.58 -12.54
CA PRO B 19 -9.39 -7.34 -11.30
C PRO B 19 -8.21 -6.78 -10.47
N PRO B 20 -8.40 -6.63 -9.13
CA PRO B 20 -7.23 -6.08 -8.43
C PRO B 20 -6.06 -7.05 -8.32
N PRO B 21 -4.82 -6.52 -8.18
CA PRO B 21 -3.75 -7.49 -7.97
C PRO B 21 -3.73 -7.91 -6.53
N GLU B 22 -2.89 -8.89 -6.19
CA GLU B 22 -2.70 -9.28 -4.78
CA GLU B 22 -2.72 -9.26 -4.78
C GLU B 22 -1.93 -8.12 -4.13
N PRO B 23 -2.14 -7.86 -2.82
CA PRO B 23 -3.08 -8.50 -1.88
C PRO B 23 -4.49 -8.09 -2.19
N ARG B 24 -5.35 -9.10 -2.44
CA ARG B 24 -6.78 -8.89 -2.74
C ARG B 24 -7.56 -9.44 -1.55
N ILE B 25 -8.75 -8.88 -1.35
CA ILE B 25 -9.68 -9.47 -0.37
C ILE B 25 -11.12 -9.25 -0.83
N THR B 26 -11.96 -10.27 -0.69
CA THR B 26 -13.36 -10.11 -1.06
C THR B 26 -14.19 -10.08 0.21
N LEU B 27 -14.90 -8.96 0.39
CA LEU B 27 -15.75 -8.71 1.55
C LEU B 27 -17.17 -8.36 1.09
N LYS B 28 -18.16 -8.75 1.89
CA LYS B 28 -19.52 -8.26 1.80
C LYS B 28 -19.55 -6.85 2.39
N VAL B 29 -20.02 -5.92 1.58
CA VAL B 29 -20.13 -4.50 1.97
C VAL B 29 -21.53 -4.09 1.57
N GLY B 30 -22.36 -3.68 2.52
CA GLY B 30 -23.67 -3.16 2.15
C GLY B 30 -24.47 -4.20 1.36
N GLY B 31 -24.28 -5.47 1.72
CA GLY B 31 -25.03 -6.53 1.10
C GLY B 31 -24.47 -7.12 -0.18
N GLN B 32 -23.36 -6.58 -0.70
CA GLN B 32 -22.79 -7.10 -1.97
C GLN B 32 -21.34 -7.44 -1.78
N PRO B 33 -20.87 -8.48 -2.48
CA PRO B 33 -19.46 -8.83 -2.42
C PRO B 33 -18.64 -7.81 -3.21
N VAL B 34 -17.56 -7.32 -2.62
CA VAL B 34 -16.67 -6.38 -3.28
C VAL B 34 -15.26 -6.95 -3.11
N THR B 35 -14.55 -7.13 -4.23
CA THR B 35 -13.13 -7.46 -4.18
C THR B 35 -12.28 -6.20 -4.22
N PHE B 36 -11.47 -6.01 -3.18
CA PHE B 36 -10.63 -4.83 -2.98
C PHE B 36 -9.16 -5.18 -3.21
N LEU B 37 -8.39 -4.22 -3.76
CA LEU B 37 -6.96 -4.19 -3.51
C LEU B 37 -6.75 -3.73 -2.04
N VAL B 38 -5.90 -4.40 -1.29
CA VAL B 38 -5.59 -3.88 0.06
C VAL B 38 -4.38 -2.97 -0.19
N ASP B 39 -4.57 -1.65 -0.02
CA ASP B 39 -3.68 -0.60 -0.57
C ASP B 39 -3.22 0.29 0.59
N THR B 40 -2.01 0.03 1.06
CA THR B 40 -1.49 0.78 2.21
C THR B 40 -1.16 2.22 1.75
N GLY B 41 -1.11 2.41 0.43
CA GLY B 41 -0.85 3.74 -0.14
C GLY B 41 -2.09 4.61 -0.16
N ALA B 42 -3.25 4.08 0.24
CA ALA B 42 -4.49 4.86 0.17
C ALA B 42 -4.90 5.24 1.58
N GLN B 43 -5.16 6.52 1.78
CA GLN B 43 -5.68 6.96 3.11
C GLN B 43 -7.09 6.46 3.33
N HIS B 44 -7.90 6.56 2.28
CA HIS B 44 -9.32 6.29 2.41
C HIS B 44 -9.67 5.06 1.58
N SER B 45 -10.62 4.28 2.06
CA SER B 45 -11.17 3.17 1.27
C SER B 45 -12.11 3.70 0.20
N VAL B 46 -12.15 2.95 -0.91
CA VAL B 46 -12.81 3.38 -2.11
C VAL B 46 -13.73 2.32 -2.66
N LEU B 47 -14.91 2.76 -3.13
CA LEU B 47 -15.75 1.95 -4.02
C LEU B 47 -15.79 2.61 -5.39
N THR B 48 -15.79 1.82 -6.45
CA THR B 48 -15.74 2.40 -7.76
C THR B 48 -17.07 2.35 -8.52
N GLN B 49 -17.94 1.40 -8.19
CA GLN B 49 -19.19 1.10 -8.96
C GLN B 49 -20.43 1.05 -8.03
N ASN B 50 -21.59 1.58 -8.46
CA ASN B 50 -22.88 1.48 -7.76
C ASN B 50 -22.70 1.37 -6.24
N PRO B 51 -22.28 2.47 -5.59
CA PRO B 51 -21.88 2.42 -4.18
C PRO B 51 -23.05 2.67 -3.23
N GLY B 52 -24.26 2.80 -3.78
CA GLY B 52 -25.50 3.11 -3.04
C GLY B 52 -25.57 4.59 -2.67
N PRO B 53 -26.45 4.98 -1.72
CA PRO B 53 -26.67 6.41 -1.38
C PRO B 53 -25.39 7.17 -0.96
N LEU B 54 -25.23 8.37 -1.50
CA LEU B 54 -24.00 9.13 -1.21
C LEU B 54 -24.32 10.17 -0.18
N SER B 55 -23.34 10.44 0.66
CA SER B 55 -23.49 11.50 1.65
C SER B 55 -23.40 12.91 0.96
N ASP B 56 -23.52 14.00 1.73
CA ASP B 56 -23.22 15.32 1.16
C ASP B 56 -21.80 15.77 1.47
N LYS B 57 -21.03 14.91 2.14
CA LYS B 57 -19.65 15.18 2.51
C LYS B 57 -18.76 14.66 1.42
N SER B 58 -17.59 15.25 1.29
CA SER B 58 -16.75 14.86 0.17
C SER B 58 -15.30 15.08 0.55
N ALA B 59 -14.38 14.53 -0.22
CA ALA B 59 -12.97 14.71 0.06
C ALA B 59 -12.24 15.04 -1.26
N TRP B 60 -11.22 15.87 -1.16
CA TRP B 60 -10.35 16.13 -2.29
C TRP B 60 -9.31 14.97 -2.35
N VAL B 61 -9.03 14.47 -3.55
CA VAL B 61 -8.15 13.30 -3.65
C VAL B 61 -7.04 13.58 -4.65
N GLY B 67 -6.08 14.86 -7.43
CA GLY B 67 -6.53 16.18 -7.90
C GLY B 67 -8.03 16.38 -8.09
N LYS B 68 -8.87 15.66 -7.35
CA LYS B 68 -10.32 15.78 -7.54
C LYS B 68 -11.15 15.57 -6.28
N ARG B 69 -12.39 16.05 -6.31
CA ARG B 69 -13.35 15.93 -5.20
C ARG B 69 -14.38 14.82 -5.42
N TYR B 70 -14.52 13.94 -4.44
CA TYR B 70 -15.46 12.81 -4.53
C TYR B 70 -16.29 12.72 -3.28
N ARG B 71 -17.49 12.16 -3.38
CA ARG B 71 -18.38 12.05 -2.25
C ARG B 71 -18.10 10.80 -1.45
N TRP B 72 -18.30 10.92 -0.15
CA TRP B 72 -18.34 9.79 0.75
C TRP B 72 -19.70 9.11 0.59
N THR B 73 -19.72 7.77 0.73
CA THR B 73 -20.98 7.07 0.89
C THR B 73 -21.48 7.35 2.30
N THR B 74 -22.76 7.09 2.53
CA THR B 74 -23.25 6.96 3.90
C THR B 74 -22.63 5.68 4.43
N ASP B 75 -22.74 5.43 5.74
CA ASP B 75 -22.12 4.25 6.35
C ASP B 75 -22.60 2.91 5.73
N ARG B 76 -21.71 1.93 5.68
CA ARG B 76 -21.96 0.61 5.08
C ARG B 76 -21.46 -0.41 6.10
N LYS B 77 -22.26 -1.43 6.37
CA LYS B 77 -21.80 -2.62 7.09
C LYS B 77 -20.76 -3.38 6.29
N VAL B 78 -19.63 -3.63 6.94
CA VAL B 78 -18.53 -4.38 6.33
C VAL B 78 -18.39 -5.70 7.08
N HIS B 79 -18.56 -6.83 6.38
CA HIS B 79 -18.55 -8.18 7.01
C HIS B 79 -17.15 -8.83 6.98
N LEU B 80 -16.58 -9.11 8.15
CA LEU B 80 -15.27 -9.74 8.22
C LEU B 80 -15.35 -11.00 9.03
N ALA B 81 -14.35 -11.87 8.91
CA ALA B 81 -14.32 -13.05 9.75
C ALA B 81 -14.16 -12.63 11.21
N THR B 82 -13.65 -11.43 11.42
CA THR B 82 -13.35 -10.91 12.76
C THR B 82 -14.56 -10.21 13.42
N GLY B 83 -15.70 -10.17 12.71
CA GLY B 83 -16.88 -9.42 13.13
C GLY B 83 -17.31 -8.45 12.03
N LYS B 84 -18.26 -7.59 12.33
CA LYS B 84 -18.74 -6.62 11.36
C LYS B 84 -18.25 -5.24 11.80
N VAL B 85 -18.02 -4.35 10.85
CA VAL B 85 -17.79 -2.94 11.18
C VAL B 85 -18.62 -2.05 10.28
N THR B 86 -18.85 -0.82 10.75
CA THR B 86 -19.48 0.21 9.98
C THR B 86 -18.40 1.16 9.39
N HIS B 87 -18.47 1.45 8.08
CA HIS B 87 -17.45 2.28 7.44
C HIS B 87 -18.03 3.01 6.24
N SER B 88 -17.64 4.27 6.04
CA SER B 88 -18.03 4.94 4.78
C SER B 88 -16.85 4.94 3.81
N PHE B 89 -17.14 4.85 2.52
CA PHE B 89 -16.12 4.74 1.53
C PHE B 89 -16.21 6.00 0.67
N LEU B 90 -15.12 6.33 0.01
CA LEU B 90 -15.17 7.37 -0.98
C LEU B 90 -15.60 6.71 -2.29
N HIS B 91 -16.53 7.34 -2.98
CA HIS B 91 -16.90 6.86 -4.27
C HIS B 91 -16.05 7.52 -5.36
N VAL B 92 -15.12 6.73 -5.90
CA VAL B 92 -14.18 7.21 -6.87
C VAL B 92 -14.31 6.34 -8.14
N PRO B 93 -15.22 6.69 -9.09
CA PRO B 93 -15.36 5.85 -10.30
C PRO B 93 -14.06 5.81 -11.11
N ASP B 94 -13.31 6.90 -11.08
CA ASP B 94 -12.12 6.95 -11.90
C ASP B 94 -10.88 6.28 -11.29
N CYS B 95 -11.13 5.23 -10.52
CA CYS B 95 -10.10 4.41 -9.90
C CYS B 95 -10.35 3.00 -10.52
N PRO B 96 -9.27 2.24 -10.82
CA PRO B 96 -9.58 1.01 -11.56
C PRO B 96 -10.23 -0.07 -10.68
N TYR B 97 -10.06 -0.02 -9.37
CA TYR B 97 -10.74 -1.05 -8.51
C TYR B 97 -10.95 -0.52 -7.12
N PRO B 98 -11.85 -1.17 -6.37
CA PRO B 98 -12.06 -0.80 -5.01
C PRO B 98 -10.75 -0.98 -4.22
N LEU B 99 -10.59 -0.09 -3.23
CA LEU B 99 -9.35 -0.02 -2.44
C LEU B 99 -9.72 -0.15 -1.01
N LEU B 100 -9.01 -1.00 -0.28
CA LEU B 100 -9.18 -1.05 1.18
C LEU B 100 -7.95 -0.33 1.76
N GLY B 101 -8.19 0.86 2.29
CA GLY B 101 -7.09 1.75 2.61
C GLY B 101 -6.75 1.76 4.09
N ARG B 102 -5.84 2.64 4.45
CA ARG B 102 -5.33 2.65 5.80
C ARG B 102 -6.44 2.90 6.83
N ASP B 103 -7.51 3.63 6.45
CA ASP B 103 -8.59 3.93 7.42
C ASP B 103 -9.16 2.58 7.96
N LEU B 104 -9.52 1.69 7.07
CA LEU B 104 -10.09 0.41 7.50
C LEU B 104 -9.06 -0.56 8.11
N LEU B 105 -7.86 -0.61 7.55
CA LEU B 105 -6.83 -1.49 8.03
C LEU B 105 -6.52 -1.16 9.49
N THR B 106 -6.60 0.13 9.85
CA THR B 106 -6.34 0.54 11.22
C THR B 106 -7.52 0.23 12.13
N LYS B 107 -8.73 0.57 11.69
CA LYS B 107 -9.93 0.11 12.39
C LYS B 107 -9.87 -1.39 12.70
N LEU B 108 -9.37 -2.20 11.77
CA LEU B 108 -9.33 -3.66 11.99
C LEU B 108 -8.09 -4.16 12.71
N LYS B 109 -7.04 -3.32 12.82
CA LYS B 109 -5.74 -3.77 13.35
C LYS B 109 -5.32 -4.95 12.49
N ALA B 110 -5.49 -4.79 11.19
CA ALA B 110 -5.16 -5.81 10.23
C ALA B 110 -3.64 -5.89 10.10
N GLN B 111 -3.18 -7.03 9.58
CA GLN B 111 -1.78 -7.33 9.30
C GLN B 111 -1.76 -7.88 7.89
N ILE B 112 -0.74 -7.52 7.12
CA ILE B 112 -0.59 -8.05 5.77
C ILE B 112 0.72 -8.82 5.73
N HIS B 113 0.64 -10.10 5.44
CA HIS B 113 1.85 -10.90 5.50
C HIS B 113 2.18 -11.29 4.05
N PHE B 114 3.39 -11.00 3.61
CA PHE B 114 3.83 -11.43 2.26
C PHE B 114 4.54 -12.73 2.25
N GLU B 115 4.14 -13.63 1.37
CA GLU B 115 5.07 -14.71 1.02
C GLU B 115 5.72 -14.38 -0.33
N GLY B 116 6.44 -15.35 -0.90
CA GLY B 116 7.19 -15.16 -2.15
C GLY B 116 6.36 -14.76 -3.36
N SER B 117 5.12 -15.26 -3.45
CA SER B 117 4.35 -15.10 -4.67
C SER B 117 2.99 -14.51 -4.44
N GLY B 118 2.84 -13.85 -3.31
CA GLY B 118 1.52 -13.38 -2.86
C GLY B 118 1.52 -12.92 -1.41
N ALA B 119 0.34 -12.91 -0.79
CA ALA B 119 0.14 -12.27 0.50
C ALA B 119 -1.15 -12.78 1.19
N GLN B 120 -1.27 -12.60 2.49
CA GLN B 120 -2.49 -12.91 3.20
C GLN B 120 -2.83 -11.71 4.07
N VAL B 121 -4.11 -11.38 4.14
CA VAL B 121 -4.55 -10.27 4.99
C VAL B 121 -5.25 -10.92 6.17
N VAL B 122 -4.79 -10.55 7.35
CA VAL B 122 -5.13 -11.30 8.52
C VAL B 122 -5.46 -10.31 9.64
N GLY B 123 -6.13 -10.77 10.69
CA GLY B 123 -6.59 -9.91 11.80
C GLY B 123 -5.53 -9.83 12.88
N PRO B 124 -5.78 -9.04 13.95
CA PRO B 124 -4.80 -8.73 14.98
C PRO B 124 -4.23 -9.94 15.69
N MET B 125 -4.80 -11.12 15.44
CA MET B 125 -4.37 -12.30 16.13
C MET B 125 -4.11 -13.43 15.14
N GLY B 126 -3.86 -13.06 13.90
CA GLY B 126 -3.39 -14.01 12.89
C GLY B 126 -4.42 -14.69 12.00
N GLN B 127 -5.70 -14.54 12.32
CA GLN B 127 -6.79 -15.14 11.53
C GLN B 127 -7.05 -14.40 10.20
N PRO B 128 -7.31 -15.14 9.11
CA PRO B 128 -7.72 -14.51 7.85
C PRO B 128 -8.97 -13.64 8.07
N LEU B 129 -9.00 -12.48 7.43
CA LEU B 129 -10.14 -11.58 7.54
C LEU B 129 -11.29 -11.90 6.61
N GLN B 130 -10.96 -12.47 5.46
CA GLN B 130 -11.96 -12.82 4.47
C GLN B 130 -12.80 -13.98 4.99
N VAL B 131 -14.10 -13.93 4.75
CA VAL B 131 -15.00 -15.03 5.05
C VAL B 131 -15.34 -15.82 3.79
N LEU B 132 -15.51 -15.11 2.67
CA LEU B 132 -15.93 -15.71 1.38
C LEU B 132 -14.92 -16.73 0.81
#